data_2JRG
#
_entry.id   2JRG
#
_entity_poly.entity_id   1
_entity_poly.type   'polyribonucleotide'
_entity_poly.pdbx_seq_one_letter_code
;CCUCCCU(CM0)AC(6MZ)AGGAGG
;
_entity_poly.pdbx_strand_id   A
#